data_1IZ2
#
_entry.id   1IZ2
#
_cell.length_a   63.020
_cell.length_b   74.173
_cell.length_c   93.115
_cell.angle_alpha   90.00
_cell.angle_beta   90.00
_cell.angle_gamma   90.00
#
_symmetry.space_group_name_H-M   'P 21 21 21'
#
loop_
_entity.id
_entity.type
_entity.pdbx_description
1 polymer alpha1-antitrypsin
2 branched alpha-D-glucopyranose-(1-2)-(5R)-5-[(2R)-2-hydroxynonyl]-beta-D-xylulofuranose
3 water water
#
_entity_poly.entity_id   1
_entity_poly.type   'polypeptide(L)'
_entity_poly.pdbx_seq_one_letter_code
;EDPQGDAAQKTDTSHHDQDHPTFNKITPNLAEFAFSLYRQLAHQSNSTNILFSPVSIAAAFAMLSLGAKGDTHDEILEGL
NFNLTEIPEAQIHEGFQELLHTLNQPDSQLQLTTGNGLFLSEGLKLVDKFLEDVKKLYHSEAFTVNFGDTEEAKKQINDY
VEKGTQGKIVDLVKELDRDTVFALVNYIFFKGKWERPFEVKDTEEEDFHVDQVTTVKVPMMKRLGMFNIQHCKKLSSWVL
LMKYLGNATAIFFLPDEGKLQHLENELTHDIITKFLENEDRRSASLHLPKLSITGTYDLKSVLGQLGITKVFSNGADLSG
VTEEAPLKLSKAVHKAVLTIDEKGTEAAGAMFLEAIPMSIPPEAKFNKPFVFLIIDQNTKAPLFMGRVVNPTQK
;
_entity_poly.pdbx_strand_id   A
#
# COMPACT_ATOMS: atom_id res chain seq x y z
N ASN A 24 1.01 -14.73 15.52
CA ASN A 24 0.81 -13.56 14.62
C ASN A 24 1.74 -12.46 15.12
N LYS A 25 2.89 -12.34 14.46
CA LYS A 25 3.86 -11.33 14.86
C LYS A 25 4.10 -10.38 13.69
N ILE A 26 4.99 -9.42 13.90
CA ILE A 26 5.34 -8.41 12.89
C ILE A 26 4.16 -7.58 12.37
N THR A 27 2.93 -8.07 12.53
CA THR A 27 1.75 -7.31 12.08
C THR A 27 1.60 -6.04 12.92
N PRO A 28 1.98 -6.11 14.21
CA PRO A 28 1.83 -4.88 14.99
C PRO A 28 2.80 -3.81 14.48
N ASN A 29 3.98 -4.24 14.02
CA ASN A 29 4.98 -3.32 13.50
C ASN A 29 4.52 -2.79 12.16
N LEU A 30 4.00 -3.71 11.34
CA LEU A 30 3.51 -3.37 10.01
C LEU A 30 2.46 -2.28 10.14
N ALA A 31 1.60 -2.39 11.16
CA ALA A 31 0.57 -1.37 11.37
C ALA A 31 1.23 -0.03 11.69
N GLU A 32 2.12 -0.01 12.68
CA GLU A 32 2.78 1.25 13.02
C GLU A 32 3.56 1.78 11.82
N PHE A 33 4.10 0.88 11.01
CA PHE A 33 4.84 1.33 9.83
C PHE A 33 3.86 2.13 8.97
N ALA A 34 2.65 1.61 8.84
CA ALA A 34 1.61 2.24 8.05
C ALA A 34 1.34 3.67 8.47
N PHE A 35 1.04 3.86 9.73
CA PHE A 35 0.74 5.18 10.20
C PHE A 35 1.93 6.11 10.01
N SER A 36 3.12 5.60 10.32
CA SER A 36 4.36 6.37 10.18
C SER A 36 4.49 6.89 8.76
N LEU A 37 4.38 5.96 7.82
CA LEU A 37 4.50 6.32 6.41
C LEU A 37 3.35 7.25 6.07
N TYR A 38 2.15 6.94 6.55
CA TYR A 38 0.99 7.79 6.26
C TYR A 38 1.23 9.22 6.73
N ARG A 39 1.66 9.38 7.98
CA ARG A 39 1.91 10.73 8.50
C ARG A 39 2.89 11.50 7.63
N GLN A 40 3.89 10.81 7.09
CA GLN A 40 4.87 11.48 6.24
C GLN A 40 4.25 12.08 4.99
N LEU A 41 3.36 11.31 4.37
CA LEU A 41 2.69 11.75 3.15
C LEU A 41 1.63 12.79 3.48
N ALA A 42 1.00 12.62 4.64
CA ALA A 42 -0.05 13.50 5.11
C ALA A 42 0.45 14.91 5.44
N HIS A 43 1.68 15.02 5.92
CA HIS A 43 2.12 16.37 6.25
C HIS A 43 2.91 17.09 5.17
N GLN A 44 2.65 16.69 3.93
CA GLN A 44 3.28 17.30 2.77
C GLN A 44 2.19 18.05 2.02
N SER A 45 0.93 17.64 2.25
CA SER A 45 -0.25 18.23 1.63
C SER A 45 -1.51 17.72 2.33
N ASN A 46 -2.55 18.53 2.34
CA ASN A 46 -3.78 18.10 2.99
C ASN A 46 -4.97 18.25 2.03
N SER A 47 -4.67 18.42 0.74
CA SER A 47 -5.71 18.60 -0.26
C SER A 47 -5.59 17.64 -1.43
N THR A 48 -4.88 16.53 -1.24
CA THR A 48 -4.74 15.54 -2.31
C THR A 48 -5.11 14.19 -1.72
N ASN A 49 -5.64 13.30 -2.56
CA ASN A 49 -6.01 11.97 -2.09
C ASN A 49 -4.74 11.17 -1.86
N ILE A 50 -4.79 10.26 -0.89
CA ILE A 50 -3.64 9.44 -0.58
C ILE A 50 -4.04 7.97 -0.68
N LEU A 51 -3.11 7.16 -1.19
CA LEU A 51 -3.33 5.72 -1.35
C LEU A 51 -2.04 4.94 -1.50
N PHE A 52 -1.87 3.94 -0.65
CA PHE A 52 -0.69 3.06 -0.67
C PHE A 52 -0.94 1.77 0.09
N SER A 53 -0.17 0.74 -0.23
CA SER A 53 -0.29 -0.56 0.43
C SER A 53 0.90 -0.84 1.38
N PRO A 54 0.68 -0.73 2.70
CA PRO A 54 1.81 -0.98 3.59
C PRO A 54 2.46 -2.34 3.33
N VAL A 55 1.64 -3.36 3.11
CA VAL A 55 2.15 -4.71 2.86
C VAL A 55 3.10 -4.74 1.67
N SER A 56 2.68 -4.15 0.56
CA SER A 56 3.50 -4.08 -0.66
C SER A 56 4.84 -3.39 -0.40
N ILE A 57 4.81 -2.26 0.28
CA ILE A 57 6.04 -1.52 0.56
C ILE A 57 6.94 -2.25 1.55
N ALA A 58 6.36 -2.77 2.64
CA ALA A 58 7.13 -3.48 3.66
C ALA A 58 7.76 -4.78 3.16
N ALA A 59 7.01 -5.57 2.38
CA ALA A 59 7.52 -6.82 1.86
C ALA A 59 8.74 -6.61 0.95
N ALA A 60 8.66 -5.60 0.08
CA ALA A 60 9.75 -5.30 -0.84
C ALA A 60 11.04 -4.88 -0.13
N PHE A 61 10.94 -4.00 0.85
CA PHE A 61 12.15 -3.55 1.55
C PHE A 61 12.67 -4.58 2.54
N ALA A 62 11.78 -5.40 3.08
CA ALA A 62 12.18 -6.42 4.01
C ALA A 62 13.01 -7.46 3.27
N MET A 63 12.56 -7.81 2.08
CA MET A 63 13.24 -8.80 1.25
C MET A 63 14.58 -8.28 0.78
N LEU A 64 14.61 -6.99 0.41
CA LEU A 64 15.86 -6.37 -0.02
C LEU A 64 16.91 -6.37 1.09
N SER A 65 16.50 -6.12 2.34
CA SER A 65 17.46 -6.08 3.44
C SER A 65 18.26 -7.37 3.61
N LEU A 66 17.72 -8.49 3.11
CA LEU A 66 18.40 -9.77 3.22
C LEU A 66 19.66 -9.76 2.41
N GLY A 67 19.81 -8.76 1.54
CA GLY A 67 21.01 -8.67 0.73
C GLY A 67 21.85 -7.47 1.13
N ALA A 68 21.44 -6.81 2.22
CA ALA A 68 22.15 -5.62 2.71
C ALA A 68 22.93 -5.91 3.99
N LYS A 69 23.91 -5.06 4.30
CA LYS A 69 24.75 -5.21 5.49
C LYS A 69 25.06 -3.88 6.17
N GLY A 70 25.36 -3.93 7.48
CA GLY A 70 25.68 -2.71 8.22
C GLY A 70 24.53 -1.73 8.37
N ASP A 71 24.83 -0.44 8.39
CA ASP A 71 23.78 0.57 8.54
C ASP A 71 22.72 0.43 7.48
N THR A 72 23.14 0.32 6.22
CA THR A 72 22.20 0.18 5.12
C THR A 72 21.13 -0.81 5.54
N HIS A 73 21.56 -1.98 6.02
CA HIS A 73 20.66 -3.03 6.46
C HIS A 73 19.85 -2.63 7.69
N ASP A 74 20.50 -2.16 8.74
CA ASP A 74 19.80 -1.79 9.95
C ASP A 74 18.80 -0.67 9.75
N GLU A 75 19.14 0.31 8.93
CA GLU A 75 18.22 1.40 8.69
C GLU A 75 16.92 0.92 8.09
N ILE A 76 16.99 -0.06 7.20
CA ILE A 76 15.80 -0.60 6.54
C ILE A 76 14.82 -1.29 7.48
N LEU A 77 15.31 -2.23 8.30
CA LEU A 77 14.48 -2.97 9.25
C LEU A 77 13.96 -2.06 10.35
N GLU A 78 14.78 -1.10 10.75
CA GLU A 78 14.40 -0.14 11.78
C GLU A 78 13.36 0.81 11.19
N GLY A 79 13.56 1.22 9.94
CA GLY A 79 12.63 2.12 9.29
C GLY A 79 11.27 1.47 9.07
N LEU A 80 11.23 0.15 9.12
CA LEU A 80 9.98 -0.58 8.96
C LEU A 80 9.32 -0.80 10.33
N ASN A 81 9.83 -0.10 11.34
CA ASN A 81 9.34 -0.19 12.72
C ASN A 81 9.74 -1.48 13.44
N PHE A 82 10.85 -2.05 13.01
CA PHE A 82 11.38 -3.26 13.61
C PHE A 82 12.62 -2.90 14.42
N ASN A 83 12.71 -3.41 15.64
CA ASN A 83 13.89 -3.15 16.46
C ASN A 83 14.55 -4.50 16.71
N LEU A 84 15.76 -4.68 16.16
CA LEU A 84 16.48 -5.96 16.29
C LEU A 84 16.77 -6.40 17.71
N THR A 85 16.62 -5.48 18.66
CA THR A 85 16.87 -5.78 20.07
C THR A 85 15.65 -6.45 20.69
N GLU A 86 14.47 -6.25 20.08
CA GLU A 86 13.24 -6.86 20.59
C GLU A 86 12.88 -8.15 19.87
N ILE A 87 13.21 -8.21 18.58
CA ILE A 87 12.90 -9.38 17.76
C ILE A 87 14.08 -9.73 16.85
N PRO A 88 14.63 -10.94 17.00
CA PRO A 88 15.77 -11.36 16.17
C PRO A 88 15.36 -11.37 14.68
N GLU A 89 16.27 -10.88 13.84
CA GLU A 89 16.00 -10.76 12.42
C GLU A 89 15.42 -12.02 11.80
N ALA A 90 15.89 -13.18 12.26
CA ALA A 90 15.42 -14.45 11.75
C ALA A 90 13.91 -14.58 11.88
N GLN A 91 13.35 -14.06 12.96
CA GLN A 91 11.91 -14.17 13.17
C GLN A 91 11.12 -13.18 12.34
N ILE A 92 11.76 -12.06 12.02
CA ILE A 92 11.14 -11.03 11.21
C ILE A 92 10.92 -11.61 9.81
N HIS A 93 12.00 -12.02 9.15
CA HIS A 93 11.90 -12.59 7.81
C HIS A 93 10.98 -13.80 7.85
N GLU A 94 10.89 -14.39 9.03
CA GLU A 94 10.06 -15.56 9.24
C GLU A 94 8.60 -15.12 9.37
N GLY A 95 8.38 -13.99 10.04
CA GLY A 95 7.04 -13.46 10.19
C GLY A 95 6.49 -13.10 8.83
N PHE A 96 7.32 -12.55 7.96
CA PHE A 96 6.86 -12.21 6.63
C PHE A 96 6.52 -13.45 5.82
N GLN A 97 7.35 -14.48 5.92
CA GLN A 97 7.11 -15.71 5.18
C GLN A 97 5.74 -16.31 5.51
N GLU A 98 5.38 -16.30 6.80
CA GLU A 98 4.11 -16.83 7.21
C GLU A 98 2.99 -15.87 6.84
N LEU A 99 3.19 -14.58 7.05
CA LEU A 99 2.17 -13.60 6.69
C LEU A 99 1.80 -13.78 5.21
N LEU A 100 2.81 -13.75 4.35
CA LEU A 100 2.63 -13.92 2.91
C LEU A 100 1.93 -15.22 2.53
N HIS A 101 2.22 -16.27 3.29
CA HIS A 101 1.63 -17.58 3.04
C HIS A 101 0.14 -17.54 3.41
N THR A 102 -0.17 -16.83 4.48
CA THR A 102 -1.55 -16.72 4.95
C THR A 102 -2.37 -15.78 4.05
N LEU A 103 -1.78 -14.67 3.63
CA LEU A 103 -2.49 -13.73 2.75
C LEU A 103 -2.80 -14.38 1.40
N ASN A 104 -1.91 -15.25 0.93
CA ASN A 104 -2.12 -15.91 -0.34
C ASN A 104 -3.03 -17.14 -0.29
N GLN A 105 -3.35 -17.59 0.91
CA GLN A 105 -4.23 -18.75 1.07
C GLN A 105 -5.56 -18.38 0.40
N PRO A 106 -6.01 -19.20 -0.57
CA PRO A 106 -7.26 -18.96 -1.29
C PRO A 106 -8.51 -18.83 -0.40
N ASP A 107 -9.22 -17.71 -0.50
CA ASP A 107 -10.43 -17.47 0.28
C ASP A 107 -11.58 -17.67 -0.70
N SER A 108 -12.58 -18.46 -0.30
CA SER A 108 -13.72 -18.76 -1.18
C SER A 108 -14.66 -17.58 -1.44
N GLN A 109 -14.51 -16.50 -0.70
CA GLN A 109 -15.40 -15.36 -0.87
C GLN A 109 -14.75 -14.07 -1.35
N LEU A 110 -13.42 -14.03 -1.36
CA LEU A 110 -12.74 -12.82 -1.82
C LEU A 110 -11.41 -13.12 -2.48
N GLN A 111 -10.93 -12.14 -3.25
CA GLN A 111 -9.67 -12.27 -3.95
C GLN A 111 -8.61 -11.37 -3.31
N LEU A 112 -7.49 -11.99 -2.94
CA LEU A 112 -6.36 -11.33 -2.32
C LEU A 112 -5.10 -12.14 -2.64
N THR A 113 -4.09 -11.48 -3.21
CA THR A 113 -2.84 -12.13 -3.60
C THR A 113 -1.71 -11.14 -3.55
N THR A 114 -0.50 -11.62 -3.26
CA THR A 114 0.70 -10.78 -3.25
C THR A 114 1.86 -11.61 -3.76
N GLY A 115 2.72 -10.99 -4.57
CA GLY A 115 3.86 -11.71 -5.07
C GLY A 115 5.05 -10.80 -5.25
N ASN A 116 6.26 -11.37 -5.13
CA ASN A 116 7.50 -10.63 -5.30
C ASN A 116 8.25 -11.23 -6.48
N GLY A 117 8.87 -10.37 -7.29
CA GLY A 117 9.61 -10.83 -8.45
C GLY A 117 10.94 -10.12 -8.63
N LEU A 118 11.95 -10.92 -9.00
CA LEU A 118 13.31 -10.44 -9.24
C LEU A 118 13.68 -10.63 -10.68
N PHE A 119 14.13 -9.56 -11.32
CA PHE A 119 14.53 -9.62 -12.71
C PHE A 119 16.00 -9.30 -12.77
N LEU A 120 16.79 -10.37 -12.85
CA LEU A 120 18.24 -10.33 -12.85
C LEU A 120 18.87 -10.38 -14.24
N SER A 121 19.90 -9.56 -14.42
CA SER A 121 20.64 -9.50 -15.67
C SER A 121 21.43 -10.78 -15.89
N GLU A 122 21.37 -11.30 -17.11
CA GLU A 122 22.13 -12.48 -17.47
C GLU A 122 23.56 -11.94 -17.57
N GLY A 123 24.53 -12.62 -16.97
CA GLY A 123 25.89 -12.09 -17.04
C GLY A 123 26.34 -11.40 -15.77
N LEU A 124 25.40 -11.18 -14.84
CA LEU A 124 25.71 -10.57 -13.56
C LEU A 124 25.81 -11.65 -12.49
N LYS A 125 27.00 -11.80 -11.92
CA LYS A 125 27.24 -12.80 -10.88
C LYS A 125 26.47 -12.43 -9.60
N LEU A 126 25.76 -13.39 -9.00
CA LEU A 126 24.98 -13.12 -7.79
C LEU A 126 25.44 -13.95 -6.61
N VAL A 127 24.89 -13.64 -5.43
CA VAL A 127 25.22 -14.38 -4.21
C VAL A 127 24.14 -15.43 -4.00
N ASP A 128 24.51 -16.70 -4.03
CA ASP A 128 23.58 -17.81 -3.85
C ASP A 128 22.68 -17.63 -2.65
N LYS A 129 23.31 -17.31 -1.52
CA LYS A 129 22.62 -17.11 -0.25
C LYS A 129 21.43 -16.19 -0.41
N PHE A 130 21.59 -15.13 -1.19
CA PHE A 130 20.51 -14.16 -1.42
C PHE A 130 19.38 -14.77 -2.23
N LEU A 131 19.75 -15.45 -3.30
CA LEU A 131 18.76 -16.09 -4.15
C LEU A 131 17.91 -17.07 -3.36
N GLU A 132 18.53 -17.80 -2.42
CA GLU A 132 17.76 -18.76 -1.64
C GLU A 132 16.99 -18.13 -0.49
N ASP A 133 17.53 -17.08 0.12
CA ASP A 133 16.82 -16.43 1.20
C ASP A 133 15.49 -15.84 0.72
N VAL A 134 15.55 -15.13 -0.41
CA VAL A 134 14.34 -14.53 -0.96
C VAL A 134 13.32 -15.55 -1.41
N LYS A 135 13.76 -16.51 -2.21
CA LYS A 135 12.87 -17.54 -2.71
C LYS A 135 12.20 -18.33 -1.59
N LYS A 136 12.93 -18.54 -0.50
CA LYS A 136 12.41 -19.29 0.65
C LYS A 136 11.57 -18.44 1.59
N LEU A 137 12.17 -17.35 2.07
CA LEU A 137 11.55 -16.42 3.02
C LEU A 137 10.44 -15.51 2.45
N TYR A 138 10.58 -15.08 1.20
CA TYR A 138 9.58 -14.21 0.61
C TYR A 138 8.90 -14.80 -0.62
N HIS A 139 9.03 -16.12 -0.78
CA HIS A 139 8.41 -16.82 -1.89
C HIS A 139 8.67 -16.09 -3.22
N SER A 140 9.75 -15.33 -3.26
CA SER A 140 10.11 -14.57 -4.45
C SER A 140 10.35 -15.44 -5.67
N GLU A 141 10.13 -14.83 -6.83
CA GLU A 141 10.34 -15.46 -8.12
C GLU A 141 11.56 -14.80 -8.75
N ALA A 142 12.49 -15.59 -9.26
CA ALA A 142 13.69 -15.04 -9.89
C ALA A 142 13.66 -15.24 -11.40
N PHE A 143 13.83 -14.15 -12.15
CA PHE A 143 13.82 -14.19 -13.62
C PHE A 143 15.12 -13.57 -14.12
N THR A 144 15.78 -14.21 -15.09
CA THR A 144 17.00 -13.68 -15.68
C THR A 144 16.59 -13.09 -17.02
N VAL A 145 16.93 -11.82 -17.25
CA VAL A 145 16.56 -11.20 -18.51
C VAL A 145 17.68 -10.40 -19.10
N ASN A 146 17.59 -10.16 -20.39
CA ASN A 146 18.59 -9.39 -21.08
C ASN A 146 18.10 -7.95 -21.06
N PHE A 147 18.79 -7.13 -20.28
CA PHE A 147 18.43 -5.72 -20.18
C PHE A 147 18.95 -4.92 -21.38
N GLY A 148 19.69 -5.59 -22.27
CA GLY A 148 20.19 -4.91 -23.45
C GLY A 148 19.03 -4.67 -24.40
N ASP A 149 18.03 -5.52 -24.26
CA ASP A 149 16.80 -5.47 -25.03
C ASP A 149 15.79 -4.88 -24.05
N THR A 150 15.85 -3.56 -23.92
CA THR A 150 15.02 -2.80 -22.99
C THR A 150 13.50 -2.97 -23.14
N GLU A 151 13.05 -3.13 -24.38
CA GLU A 151 11.63 -3.28 -24.67
C GLU A 151 11.15 -4.64 -24.19
N GLU A 152 12.00 -5.64 -24.35
CA GLU A 152 11.65 -6.99 -23.92
C GLU A 152 11.75 -7.09 -22.41
N ALA A 153 12.78 -6.49 -21.81
CA ALA A 153 12.94 -6.53 -20.35
C ALA A 153 11.74 -5.89 -19.65
N LYS A 154 11.27 -4.78 -20.21
CA LYS A 154 10.11 -4.07 -19.65
C LYS A 154 8.85 -4.90 -19.83
N LYS A 155 8.68 -5.50 -21.00
CA LYS A 155 7.50 -6.31 -21.25
C LYS A 155 7.34 -7.41 -20.21
N GLN A 156 8.44 -8.12 -19.91
CA GLN A 156 8.39 -9.20 -18.94
C GLN A 156 7.98 -8.71 -17.58
N ILE A 157 8.59 -7.63 -17.14
CA ILE A 157 8.27 -7.04 -15.85
C ILE A 157 6.79 -6.63 -15.86
N ASN A 158 6.41 -5.86 -16.87
CA ASN A 158 5.05 -5.40 -17.00
C ASN A 158 4.00 -6.49 -17.13
N ASP A 159 4.39 -7.63 -17.69
CA ASP A 159 3.45 -8.74 -17.83
C ASP A 159 3.23 -9.36 -16.46
N TYR A 160 4.30 -9.37 -15.66
CA TYR A 160 4.24 -9.91 -14.32
C TYR A 160 3.25 -9.13 -13.45
N VAL A 161 3.39 -7.81 -13.43
CA VAL A 161 2.50 -6.97 -12.62
C VAL A 161 1.06 -6.99 -13.14
N GLU A 162 0.88 -6.90 -14.45
CA GLU A 162 -0.46 -6.93 -15.00
C GLU A 162 -1.17 -8.27 -14.74
N LYS A 163 -0.42 -9.36 -14.73
CA LYS A 163 -1.01 -10.65 -14.48
C LYS A 163 -1.44 -10.71 -13.03
N GLY A 164 -0.56 -10.27 -12.14
CA GLY A 164 -0.82 -10.27 -10.71
C GLY A 164 -1.89 -9.27 -10.28
N THR A 165 -1.97 -8.13 -10.96
CA THR A 165 -2.97 -7.14 -10.60
C THR A 165 -4.26 -7.29 -11.42
N GLN A 166 -4.39 -8.43 -12.11
CA GLN A 166 -5.56 -8.74 -12.90
C GLN A 166 -5.98 -7.62 -13.86
N GLY A 167 -5.00 -7.00 -14.51
CA GLY A 167 -5.30 -5.92 -15.44
C GLY A 167 -5.42 -4.53 -14.83
N LYS A 168 -5.35 -4.42 -13.51
CA LYS A 168 -5.48 -3.12 -12.84
C LYS A 168 -4.30 -2.21 -13.12
N ILE A 169 -3.12 -2.79 -13.20
CA ILE A 169 -1.92 -2.01 -13.45
C ILE A 169 -1.18 -2.63 -14.63
N VAL A 170 -1.33 -2.00 -15.80
CA VAL A 170 -0.67 -2.49 -17.01
C VAL A 170 0.34 -1.45 -17.47
N ASP A 171 1.44 -1.95 -18.01
CA ASP A 171 2.51 -1.09 -18.49
C ASP A 171 3.03 -0.19 -17.37
N LEU A 172 3.34 -0.80 -16.24
CA LEU A 172 3.84 -0.09 -15.06
C LEU A 172 5.10 0.72 -15.37
N VAL A 173 6.08 0.03 -15.93
CA VAL A 173 7.36 0.62 -16.28
C VAL A 173 7.34 1.16 -17.71
N LYS A 174 7.54 2.47 -17.82
CA LYS A 174 7.53 3.15 -19.10
C LYS A 174 8.94 3.15 -19.68
N GLU A 175 9.92 3.44 -18.85
CA GLU A 175 11.30 3.46 -19.33
C GLU A 175 12.23 2.69 -18.40
N LEU A 176 13.27 2.10 -18.98
CA LEU A 176 14.22 1.31 -18.20
C LEU A 176 15.66 1.62 -18.61
N ASP A 177 16.52 1.96 -17.64
CA ASP A 177 17.91 2.29 -17.94
C ASP A 177 18.64 1.16 -18.67
N ARG A 178 19.42 1.53 -19.70
CA ARG A 178 20.17 0.56 -20.50
C ARG A 178 21.16 -0.24 -19.65
N ASP A 179 21.71 0.41 -18.64
CA ASP A 179 22.68 -0.23 -17.77
C ASP A 179 22.05 -0.99 -16.62
N THR A 180 20.74 -1.23 -16.68
CA THR A 180 20.11 -1.95 -15.60
C THR A 180 20.71 -3.35 -15.52
N VAL A 181 20.87 -3.87 -14.31
CA VAL A 181 21.39 -5.22 -14.15
C VAL A 181 20.56 -5.95 -13.10
N PHE A 182 19.77 -5.19 -12.32
CA PHE A 182 18.92 -5.75 -11.26
C PHE A 182 17.60 -4.98 -11.13
N ALA A 183 16.48 -5.69 -11.01
CA ALA A 183 15.18 -5.05 -10.82
C ALA A 183 14.34 -5.87 -9.84
N LEU A 184 13.61 -5.19 -8.97
CA LEU A 184 12.77 -5.86 -7.98
C LEU A 184 11.39 -5.23 -8.02
N VAL A 185 10.36 -6.08 -8.15
CA VAL A 185 8.98 -5.61 -8.20
C VAL A 185 8.13 -6.43 -7.23
N ASN A 186 7.11 -5.80 -6.64
CA ASN A 186 6.18 -6.45 -5.73
C ASN A 186 4.77 -6.05 -6.15
N TYR A 187 3.81 -6.95 -6.05
CA TYR A 187 2.44 -6.60 -6.40
C TYR A 187 1.44 -7.16 -5.39
N ILE A 188 0.31 -6.46 -5.21
CA ILE A 188 -0.73 -6.93 -4.31
C ILE A 188 -2.06 -6.69 -5.02
N PHE A 189 -2.99 -7.62 -4.86
CA PHE A 189 -4.32 -7.50 -5.49
C PHE A 189 -5.39 -7.88 -4.48
N PHE A 190 -6.48 -7.11 -4.47
CA PHE A 190 -7.61 -7.36 -3.57
C PHE A 190 -8.95 -6.95 -4.22
N LYS A 191 -9.97 -7.79 -4.03
CA LYS A 191 -11.32 -7.53 -4.53
C LYS A 191 -12.31 -8.10 -3.53
N GLY A 192 -13.12 -7.23 -2.94
CA GLY A 192 -14.09 -7.66 -1.96
C GLY A 192 -15.47 -7.08 -2.17
N LYS A 193 -16.48 -7.80 -1.70
CA LYS A 193 -17.88 -7.41 -1.79
C LYS A 193 -18.43 -6.97 -0.44
N TRP A 194 -19.10 -5.81 -0.40
CA TRP A 194 -19.68 -5.31 0.84
C TRP A 194 -20.71 -6.29 1.38
N GLU A 195 -20.70 -6.50 2.70
CA GLU A 195 -21.69 -7.37 3.34
C GLU A 195 -22.99 -6.56 3.36
N ARG A 196 -22.84 -5.24 3.32
CA ARG A 196 -23.95 -4.30 3.31
C ARG A 196 -23.81 -3.38 2.09
N PRO A 197 -24.09 -3.92 0.89
CA PRO A 197 -24.00 -3.19 -0.38
C PRO A 197 -25.03 -2.08 -0.55
N PHE A 198 -24.72 -1.16 -1.45
CA PHE A 198 -25.57 -0.02 -1.76
C PHE A 198 -26.43 -0.42 -2.95
N GLU A 199 -27.40 0.42 -3.32
CA GLU A 199 -28.26 0.15 -4.47
C GLU A 199 -28.01 1.19 -5.53
N VAL A 200 -27.64 0.75 -6.72
CA VAL A 200 -27.36 1.66 -7.83
C VAL A 200 -28.48 2.69 -8.00
N LYS A 201 -29.72 2.26 -7.80
CA LYS A 201 -30.89 3.14 -7.93
C LYS A 201 -30.85 4.28 -6.92
N ASP A 202 -30.12 4.08 -5.82
CA ASP A 202 -30.04 5.11 -4.81
C ASP A 202 -28.85 6.02 -4.99
N THR A 203 -28.03 5.75 -6.01
CA THR A 203 -26.88 6.61 -6.24
C THR A 203 -27.35 7.83 -7.02
N GLU A 204 -26.90 9.02 -6.60
CA GLU A 204 -27.29 10.28 -7.23
C GLU A 204 -26.15 11.24 -7.52
N GLU A 205 -26.25 11.94 -8.64
CA GLU A 205 -25.26 12.94 -9.06
C GLU A 205 -25.21 14.08 -8.02
N GLU A 206 -24.02 14.50 -7.61
CA GLU A 206 -23.93 15.59 -6.64
C GLU A 206 -22.85 16.57 -7.03
N ASP A 207 -23.07 17.83 -6.68
CA ASP A 207 -22.15 18.92 -6.98
C ASP A 207 -20.84 18.90 -6.22
N PHE A 208 -19.76 19.07 -6.96
CA PHE A 208 -18.47 19.13 -6.34
C PHE A 208 -17.66 20.20 -7.04
N HIS A 209 -16.95 21.01 -6.25
CA HIS A 209 -16.12 22.08 -6.77
C HIS A 209 -14.77 21.56 -7.22
N VAL A 210 -14.58 21.43 -8.53
CA VAL A 210 -13.32 20.96 -9.06
C VAL A 210 -12.26 21.98 -8.70
N ASP A 211 -12.62 23.26 -8.75
CA ASP A 211 -11.72 24.35 -8.37
C ASP A 211 -12.55 25.41 -7.61
N GLN A 212 -11.92 26.49 -7.16
CA GLN A 212 -12.63 27.51 -6.40
C GLN A 212 -13.79 28.18 -7.16
N VAL A 213 -13.88 27.92 -8.46
CA VAL A 213 -14.90 28.59 -9.23
C VAL A 213 -15.90 27.79 -10.10
N THR A 214 -15.70 26.49 -10.24
CA THR A 214 -16.62 25.66 -11.03
C THR A 214 -16.95 24.34 -10.35
N THR A 215 -18.19 23.89 -10.52
CA THR A 215 -18.62 22.64 -9.92
C THR A 215 -18.99 21.63 -11.02
N VAL A 216 -18.97 20.36 -10.66
CA VAL A 216 -19.29 19.27 -11.58
C VAL A 216 -20.10 18.29 -10.77
N LYS A 217 -20.88 17.46 -11.46
CA LYS A 217 -21.68 16.46 -10.78
C LYS A 217 -20.96 15.12 -10.75
N VAL A 218 -20.84 14.54 -9.55
CA VAL A 218 -20.19 13.24 -9.33
C VAL A 218 -21.17 12.28 -8.66
N PRO A 219 -21.03 10.96 -8.90
CA PRO A 219 -21.91 9.96 -8.31
C PRO A 219 -21.70 9.74 -6.83
N MET A 220 -22.80 9.85 -6.09
CA MET A 220 -22.79 9.68 -4.65
C MET A 220 -23.69 8.51 -4.28
N MET A 221 -23.14 7.53 -3.56
CA MET A 221 -23.91 6.37 -3.15
C MET A 221 -24.61 6.65 -1.83
N LYS A 222 -25.84 6.16 -1.69
CA LYS A 222 -26.61 6.40 -0.46
C LYS A 222 -27.38 5.19 0.02
N ARG A 223 -27.53 5.09 1.34
CA ARG A 223 -28.26 4.00 1.96
C ARG A 223 -28.56 4.29 3.42
N LEU A 224 -29.83 4.09 3.78
CA LEU A 224 -30.31 4.32 5.13
C LEU A 224 -30.50 2.99 5.82
N GLY A 225 -29.92 2.83 7.00
CA GLY A 225 -30.03 1.60 7.75
C GLY A 225 -29.12 1.56 8.96
N MET A 226 -28.94 0.35 9.50
CA MET A 226 -28.10 0.13 10.68
C MET A 226 -26.64 -0.02 10.26
N PHE A 227 -25.77 0.76 10.88
CA PHE A 227 -24.35 0.68 10.57
C PHE A 227 -23.58 0.53 11.86
N ASN A 228 -22.41 -0.08 11.78
CA ASN A 228 -21.58 -0.23 12.96
C ASN A 228 -20.74 1.03 13.01
N ILE A 229 -21.38 2.12 13.45
CA ILE A 229 -20.72 3.41 13.54
C ILE A 229 -20.39 3.68 15.01
N GLN A 230 -19.71 4.80 15.25
CA GLN A 230 -19.29 5.18 16.60
C GLN A 230 -18.48 6.47 16.48
N HIS A 231 -18.24 7.13 17.61
CA HIS A 231 -17.46 8.37 17.60
C HIS A 231 -16.34 8.29 18.64
N CYS A 232 -15.14 8.69 18.26
CA CYS A 232 -14.04 8.65 19.21
C CYS A 232 -13.54 10.04 19.55
N LYS A 233 -13.27 10.28 20.82
CA LYS A 233 -12.79 11.57 21.26
C LYS A 233 -11.32 11.75 20.92
N LYS A 234 -10.53 10.73 21.22
CA LYS A 234 -9.09 10.77 20.95
C LYS A 234 -8.78 11.03 19.48
N LEU A 235 -9.65 10.55 18.58
CA LEU A 235 -9.46 10.75 17.14
C LEU A 235 -10.27 11.93 16.60
N SER A 236 -11.17 12.46 17.43
CA SER A 236 -11.99 13.59 17.03
C SER A 236 -12.67 13.30 15.69
N SER A 237 -13.37 12.18 15.60
CA SER A 237 -14.05 11.81 14.36
C SER A 237 -14.98 10.61 14.50
N TRP A 238 -15.82 10.39 13.48
CA TRP A 238 -16.74 9.26 13.46
C TRP A 238 -16.04 8.08 12.80
N VAL A 239 -16.28 6.90 13.35
CA VAL A 239 -15.67 5.67 12.85
C VAL A 239 -16.72 4.67 12.40
N LEU A 240 -16.62 4.27 11.14
CA LEU A 240 -17.55 3.35 10.52
C LEU A 240 -16.84 2.08 10.08
N LEU A 241 -17.48 0.93 10.26
CA LEU A 241 -16.86 -0.32 9.86
C LEU A 241 -17.68 -0.92 8.72
N MET A 242 -17.01 -1.21 7.61
CA MET A 242 -17.68 -1.81 6.45
C MET A 242 -17.05 -3.17 6.18
N LYS A 243 -17.70 -4.25 6.61
CA LYS A 243 -17.17 -5.59 6.40
C LYS A 243 -17.31 -6.05 4.95
N TYR A 244 -16.32 -6.81 4.49
CA TYR A 244 -16.31 -7.40 3.14
C TYR A 244 -16.64 -8.86 3.38
N LEU A 245 -17.41 -9.47 2.49
CA LEU A 245 -17.67 -10.90 2.65
C LEU A 245 -16.27 -11.54 2.57
N GLY A 246 -15.92 -12.34 3.55
CA GLY A 246 -14.60 -12.94 3.55
C GLY A 246 -13.90 -12.48 4.81
N ASN A 247 -12.59 -12.70 4.86
CA ASN A 247 -11.78 -12.34 6.03
C ASN A 247 -11.27 -10.90 6.03
N ALA A 248 -11.97 -10.02 5.30
CA ALA A 248 -11.53 -8.63 5.20
C ALA A 248 -12.52 -7.61 5.74
N THR A 249 -11.99 -6.41 6.01
CA THR A 249 -12.76 -5.29 6.55
C THR A 249 -12.20 -3.92 6.11
N ALA A 250 -13.09 -2.92 6.06
CA ALA A 250 -12.71 -1.54 5.70
C ALA A 250 -13.23 -0.63 6.80
N ILE A 251 -12.35 0.18 7.36
CA ILE A 251 -12.71 1.10 8.44
C ILE A 251 -12.57 2.49 7.87
N PHE A 252 -13.62 3.30 8.04
CA PHE A 252 -13.61 4.67 7.56
C PHE A 252 -13.58 5.64 8.76
N PHE A 253 -12.88 6.76 8.60
CA PHE A 253 -12.76 7.77 9.65
C PHE A 253 -13.16 9.13 9.10
N LEU A 254 -14.21 9.74 9.66
CA LEU A 254 -14.65 11.05 9.22
C LEU A 254 -14.30 12.08 10.29
N PRO A 255 -13.18 12.79 10.15
CA PRO A 255 -12.74 13.81 11.12
C PRO A 255 -13.73 14.97 11.28
N ASP A 256 -13.88 15.46 12.51
CA ASP A 256 -14.78 16.59 12.74
C ASP A 256 -14.15 17.81 12.09
N GLU A 257 -14.93 18.87 11.92
CA GLU A 257 -14.47 20.10 11.30
C GLU A 257 -13.09 20.55 11.83
N GLY A 258 -12.18 20.81 10.90
CA GLY A 258 -10.83 21.24 11.27
C GLY A 258 -10.04 20.26 12.12
N LYS A 259 -10.49 19.01 12.20
CA LYS A 259 -9.79 18.01 12.99
C LYS A 259 -9.13 16.90 12.16
N LEU A 260 -8.91 17.16 10.86
CA LEU A 260 -8.29 16.18 9.97
C LEU A 260 -6.88 15.84 10.43
N GLN A 261 -6.06 16.87 10.63
CA GLN A 261 -4.67 16.72 11.04
C GLN A 261 -4.58 15.97 12.38
N HIS A 262 -5.58 16.18 13.21
CA HIS A 262 -5.61 15.54 14.52
C HIS A 262 -5.85 14.03 14.38
N LEU A 263 -6.74 13.64 13.47
CA LEU A 263 -7.06 12.23 13.23
C LEU A 263 -5.83 11.48 12.74
N GLU A 264 -5.20 12.09 11.75
CA GLU A 264 -4.02 11.54 11.10
C GLU A 264 -2.90 11.23 12.07
N ASN A 265 -2.62 12.13 13.00
CA ASN A 265 -1.54 11.87 13.94
C ASN A 265 -1.90 11.01 15.13
N GLU A 266 -3.18 10.78 15.36
CA GLU A 266 -3.59 10.01 16.51
C GLU A 266 -3.87 8.54 16.21
N LEU A 267 -4.06 8.21 14.94
CA LEU A 267 -4.32 6.82 14.57
C LEU A 267 -3.16 5.93 15.04
N THR A 268 -3.51 4.85 15.73
CA THR A 268 -2.53 3.88 16.22
C THR A 268 -3.17 2.50 16.19
N HIS A 269 -2.34 1.47 16.23
CA HIS A 269 -2.82 0.09 16.19
C HIS A 269 -3.86 -0.23 17.27
N ASP A 270 -3.55 0.14 18.51
CA ASP A 270 -4.45 -0.13 19.62
C ASP A 270 -5.82 0.50 19.43
N ILE A 271 -5.84 1.76 19.01
CA ILE A 271 -7.11 2.43 18.81
C ILE A 271 -8.00 1.61 17.89
N ILE A 272 -7.46 1.19 16.75
CA ILE A 272 -8.22 0.40 15.80
C ILE A 272 -8.70 -0.88 16.48
N THR A 273 -7.89 -1.40 17.39
CA THR A 273 -8.27 -2.62 18.09
C THR A 273 -9.48 -2.38 18.98
N LYS A 274 -9.48 -1.28 19.70
CA LYS A 274 -10.58 -0.95 20.59
C LYS A 274 -11.87 -0.73 19.79
N PHE A 275 -11.74 -0.45 18.50
CA PHE A 275 -12.92 -0.20 17.68
C PHE A 275 -13.36 -1.42 16.89
N LEU A 276 -12.48 -2.40 16.75
CA LEU A 276 -12.77 -3.64 16.03
C LEU A 276 -13.58 -4.60 16.91
N GLU A 277 -13.64 -4.28 18.21
CA GLU A 277 -14.37 -5.07 19.19
C GLU A 277 -15.60 -4.31 19.69
N ASN A 278 -16.33 -3.71 18.76
CA ASN A 278 -17.53 -2.95 19.06
C ASN A 278 -18.61 -3.42 18.08
N GLU A 279 -19.57 -4.21 18.57
CA GLU A 279 -20.62 -4.70 17.69
C GLU A 279 -21.91 -3.88 17.83
N ASP A 280 -21.76 -2.61 18.21
CA ASP A 280 -22.90 -1.71 18.38
C ASP A 280 -23.22 -0.98 17.08
N ARG A 281 -24.38 -1.32 16.52
CA ARG A 281 -24.84 -0.73 15.27
C ARG A 281 -26.07 0.13 15.47
N ARG A 282 -26.10 1.28 14.80
CA ARG A 282 -27.22 2.19 14.91
C ARG A 282 -27.73 2.59 13.52
N SER A 283 -28.93 3.18 13.48
CA SER A 283 -29.52 3.61 12.22
C SER A 283 -28.79 4.86 11.75
N ALA A 284 -28.66 5.04 10.44
CA ALA A 284 -27.97 6.20 9.88
C ALA A 284 -28.06 6.21 8.37
N SER A 285 -27.86 7.38 7.78
CA SER A 285 -27.91 7.54 6.33
C SER A 285 -26.49 7.73 5.84
N LEU A 286 -25.95 6.68 5.23
CA LEU A 286 -24.58 6.73 4.73
C LEU A 286 -24.52 7.29 3.32
N HIS A 287 -23.57 8.21 3.12
CA HIS A 287 -23.30 8.86 1.84
C HIS A 287 -21.84 8.57 1.52
N LEU A 288 -21.59 7.74 0.52
CA LEU A 288 -20.22 7.41 0.14
C LEU A 288 -20.12 7.62 -1.35
N PRO A 289 -19.16 8.44 -1.80
CA PRO A 289 -18.99 8.72 -3.23
C PRO A 289 -18.41 7.52 -4.01
N LYS A 290 -18.76 7.42 -5.30
CA LYS A 290 -18.21 6.36 -6.15
C LYS A 290 -16.78 6.82 -6.39
N LEU A 291 -15.82 5.96 -6.11
CA LEU A 291 -14.42 6.37 -6.28
C LEU A 291 -13.54 5.51 -7.13
N SER A 292 -12.56 6.17 -7.72
CA SER A 292 -11.55 5.51 -8.52
C SER A 292 -10.30 6.33 -8.28
N ILE A 293 -9.53 5.95 -7.27
CA ILE A 293 -8.33 6.71 -6.94
C ILE A 293 -7.02 5.95 -7.23
N THR A 294 -5.92 6.69 -7.22
CA THR A 294 -4.61 6.11 -7.48
C THR A 294 -3.63 6.87 -6.62
N GLY A 295 -2.41 6.38 -6.54
CA GLY A 295 -1.38 7.03 -5.75
C GLY A 295 -0.05 6.57 -6.28
N THR A 296 0.83 7.52 -6.58
CA THR A 296 2.18 7.21 -7.10
C THR A 296 3.14 8.01 -6.21
N TYR A 297 4.18 7.38 -5.67
CA TYR A 297 5.13 8.11 -4.81
C TYR A 297 6.58 7.64 -4.96
N ASP A 298 7.52 8.58 -5.03
CA ASP A 298 8.94 8.23 -5.07
C ASP A 298 9.25 8.16 -3.59
N LEU A 299 9.38 6.94 -3.07
CA LEU A 299 9.59 6.72 -1.66
C LEU A 299 10.96 7.05 -1.09
N LYS A 300 11.89 7.48 -1.92
CA LYS A 300 13.21 7.81 -1.41
C LYS A 300 13.18 8.86 -0.31
N SER A 301 12.63 10.04 -0.60
CA SER A 301 12.56 11.11 0.40
C SER A 301 11.65 10.73 1.57
N VAL A 302 10.49 10.19 1.25
CA VAL A 302 9.55 9.78 2.29
C VAL A 302 10.17 8.74 3.21
N LEU A 303 10.77 7.70 2.65
CA LEU A 303 11.38 6.67 3.49
C LEU A 303 12.64 7.24 4.13
N GLY A 304 13.23 8.24 3.50
CA GLY A 304 14.40 8.85 4.08
C GLY A 304 13.96 9.42 5.42
N GLN A 305 12.78 10.05 5.42
CA GLN A 305 12.21 10.64 6.64
C GLN A 305 11.91 9.61 7.73
N LEU A 306 12.11 8.33 7.42
CA LEU A 306 11.87 7.29 8.40
C LEU A 306 13.16 6.63 8.85
N GLY A 307 14.30 7.16 8.39
CA GLY A 307 15.59 6.60 8.77
C GLY A 307 16.34 5.83 7.71
N ILE A 308 15.64 5.39 6.66
CA ILE A 308 16.24 4.62 5.58
C ILE A 308 16.81 5.58 4.54
N THR A 309 18.12 5.83 4.61
CA THR A 309 18.76 6.73 3.66
C THR A 309 20.01 6.14 3.01
N LYS A 310 20.71 5.29 3.75
CA LYS A 310 21.94 4.69 3.26
C LYS A 310 21.77 3.93 1.92
N VAL A 311 20.77 3.07 1.86
CA VAL A 311 20.49 2.26 0.66
C VAL A 311 20.20 3.13 -0.56
N PHE A 312 19.77 4.36 -0.31
CA PHE A 312 19.45 5.33 -1.36
C PHE A 312 20.68 6.25 -1.65
N SER A 313 21.80 5.99 -1.01
CA SER A 313 23.00 6.80 -1.22
C SER A 313 24.07 5.98 -1.91
N ASN A 314 25.21 6.62 -2.17
CA ASN A 314 26.32 5.93 -2.80
C ASN A 314 27.00 5.01 -1.81
N GLY A 315 26.86 5.31 -0.53
CA GLY A 315 27.46 4.45 0.48
C GLY A 315 26.59 3.24 0.79
N ALA A 316 25.65 2.93 -0.10
CA ALA A 316 24.75 1.80 0.10
C ALA A 316 25.50 0.47 0.06
N ASP A 317 25.31 -0.37 1.07
CA ASP A 317 25.98 -1.67 1.04
C ASP A 317 24.97 -2.81 0.79
N LEU A 318 24.88 -3.22 -0.48
CA LEU A 318 24.01 -4.31 -0.90
C LEU A 318 24.88 -5.39 -1.53
N SER A 319 26.04 -5.61 -0.92
CA SER A 319 26.99 -6.62 -1.36
C SER A 319 26.46 -8.01 -1.03
N GLY A 320 25.22 -8.06 -0.56
CA GLY A 320 24.62 -9.34 -0.22
C GLY A 320 23.85 -9.84 -1.41
N VAL A 321 23.70 -8.98 -2.41
CA VAL A 321 22.97 -9.32 -3.64
C VAL A 321 23.99 -9.80 -4.68
N THR A 322 24.93 -8.91 -4.99
CA THR A 322 25.99 -9.18 -5.95
C THR A 322 27.28 -8.53 -5.49
N GLU A 323 28.39 -9.13 -5.88
CA GLU A 323 29.69 -8.64 -5.51
C GLU A 323 30.42 -8.00 -6.68
N GLU A 324 29.79 -7.97 -7.83
CA GLU A 324 30.43 -7.35 -8.98
C GLU A 324 29.63 -6.17 -9.53
N ALA A 325 28.92 -5.49 -8.67
CA ALA A 325 28.17 -4.31 -9.08
C ALA A 325 27.87 -3.53 -7.81
N PRO A 326 27.97 -2.20 -7.89
CA PRO A 326 27.72 -1.29 -6.78
C PRO A 326 26.22 -0.96 -6.60
N LEU A 327 25.38 -1.97 -6.36
CA LEU A 327 23.95 -1.73 -6.21
C LEU A 327 23.56 -0.71 -5.13
N LYS A 328 22.58 0.12 -5.46
CA LYS A 328 22.04 1.15 -4.57
C LYS A 328 20.70 1.59 -5.13
N LEU A 329 19.77 2.00 -4.29
CA LEU A 329 18.48 2.45 -4.78
C LEU A 329 18.53 3.92 -5.14
N SER A 330 18.23 4.25 -6.38
CA SER A 330 18.23 5.63 -6.79
C SER A 330 16.82 6.20 -6.65
N LYS A 331 15.83 5.37 -7.01
CA LYS A 331 14.42 5.72 -6.95
C LYS A 331 13.63 4.49 -6.52
N ALA A 332 12.45 4.72 -5.94
CA ALA A 332 11.61 3.62 -5.51
C ALA A 332 10.17 4.12 -5.55
N VAL A 333 9.47 3.83 -6.65
CA VAL A 333 8.10 4.32 -6.78
C VAL A 333 7.06 3.25 -6.41
N HIS A 334 6.04 3.69 -5.69
CA HIS A 334 4.93 2.82 -5.28
C HIS A 334 3.71 3.34 -6.05
N LYS A 335 2.95 2.42 -6.62
CA LYS A 335 1.76 2.74 -7.40
C LYS A 335 0.57 1.94 -6.87
N ALA A 336 -0.55 2.60 -6.62
CA ALA A 336 -1.74 1.91 -6.13
C ALA A 336 -2.99 2.47 -6.78
N VAL A 337 -4.00 1.61 -6.96
CA VAL A 337 -5.28 2.01 -7.54
C VAL A 337 -6.40 1.35 -6.72
N LEU A 338 -7.44 2.12 -6.43
CA LEU A 338 -8.55 1.60 -5.64
C LEU A 338 -9.87 2.10 -6.20
N THR A 339 -10.80 1.17 -6.37
CA THR A 339 -12.12 1.51 -6.90
C THR A 339 -13.17 1.15 -5.90
N ILE A 340 -14.14 2.04 -5.71
CA ILE A 340 -15.23 1.79 -4.76
C ILE A 340 -16.59 2.01 -5.42
N ASP A 341 -17.49 1.05 -5.31
CA ASP A 341 -18.81 1.23 -5.88
C ASP A 341 -19.86 0.65 -4.95
N GLU A 342 -21.08 0.48 -5.46
CA GLU A 342 -22.16 -0.02 -4.62
C GLU A 342 -21.98 -1.43 -4.09
N LYS A 343 -21.38 -2.30 -4.89
CA LYS A 343 -21.20 -3.70 -4.49
C LYS A 343 -19.92 -4.03 -3.71
N GLY A 344 -18.87 -3.23 -3.85
CA GLY A 344 -17.66 -3.55 -3.12
C GLY A 344 -16.42 -2.73 -3.41
N THR A 345 -15.26 -3.33 -3.21
CA THR A 345 -13.99 -2.64 -3.41
C THR A 345 -13.00 -3.47 -4.22
N GLU A 346 -12.22 -2.80 -5.05
CA GLU A 346 -11.19 -3.49 -5.83
C GLU A 346 -9.94 -2.60 -5.77
N ALA A 347 -8.81 -3.17 -5.37
CA ALA A 347 -7.60 -2.40 -5.23
C ALA A 347 -6.32 -3.15 -5.60
N ALA A 348 -5.39 -2.44 -6.24
CA ALA A 348 -4.11 -3.05 -6.60
C ALA A 348 -2.95 -2.16 -6.17
N GLY A 349 -1.79 -2.77 -6.02
CA GLY A 349 -0.61 -2.04 -5.62
C GLY A 349 0.64 -2.70 -6.17
N ALA A 350 1.63 -1.89 -6.53
CA ALA A 350 2.88 -2.39 -7.08
C ALA A 350 4.06 -1.59 -6.54
N MET A 351 5.19 -2.25 -6.36
CA MET A 351 6.39 -1.60 -5.84
C MET A 351 7.55 -1.87 -6.80
N PHE A 352 8.04 -0.82 -7.44
CA PHE A 352 9.16 -0.94 -8.38
C PHE A 352 10.33 -0.17 -7.78
N LEU A 353 11.45 -0.85 -7.55
CA LEU A 353 12.61 -0.20 -6.96
C LEU A 353 13.48 0.52 -7.97
N GLU A 354 12.86 1.43 -8.72
CA GLU A 354 13.54 2.22 -9.74
C GLU A 354 12.59 3.33 -10.20
N ALA A 355 13.01 4.01 -11.25
CA ALA A 355 12.25 5.13 -11.81
C ALA A 355 10.93 4.79 -12.48
N ILE A 356 9.94 5.61 -12.16
CA ILE A 356 8.59 5.51 -12.71
C ILE A 356 8.05 6.93 -12.66
N PRO A 357 7.31 7.35 -13.69
CA PRO A 357 6.76 8.71 -13.70
C PRO A 357 5.79 9.05 -12.54
N MET A 358 5.79 10.32 -12.15
CA MET A 358 4.91 10.81 -11.09
C MET A 358 3.69 11.42 -11.73
N SER A 359 2.59 11.51 -10.98
CA SER A 359 1.35 12.08 -11.50
C SER A 359 1.07 13.44 -10.84
N ILE A 360 0.10 14.20 -11.36
CA ILE A 360 -0.25 15.51 -10.77
C ILE A 360 -1.65 15.40 -10.16
N PRO A 361 -1.76 14.93 -8.92
CA PRO A 361 -3.09 14.81 -8.30
C PRO A 361 -3.86 16.14 -8.25
N PRO A 362 -5.17 16.10 -8.54
CA PRO A 362 -5.97 17.33 -8.48
C PRO A 362 -6.10 17.72 -6.99
N GLU A 363 -6.00 19.00 -6.70
CA GLU A 363 -6.06 19.44 -5.31
C GLU A 363 -7.24 20.34 -4.99
N ALA A 364 -8.24 19.78 -4.33
CA ALA A 364 -9.42 20.55 -3.96
C ALA A 364 -10.15 19.80 -2.87
N LYS A 365 -10.19 20.38 -1.67
CA LYS A 365 -10.85 19.75 -0.54
C LYS A 365 -12.33 20.07 -0.45
N PHE A 366 -13.17 19.04 -0.52
CA PHE A 366 -14.60 19.21 -0.44
C PHE A 366 -15.07 19.35 1.02
N ASN A 367 -14.21 19.97 1.82
CA ASN A 367 -14.45 20.28 3.23
C ASN A 367 -14.53 19.11 4.22
N LYS A 368 -15.20 18.02 3.83
CA LYS A 368 -15.32 16.86 4.71
C LYS A 368 -14.54 15.67 4.19
N PRO A 369 -13.20 15.68 4.34
CA PRO A 369 -12.39 14.55 3.87
C PRO A 369 -12.49 13.35 4.81
N PHE A 370 -12.00 12.22 4.38
CA PHE A 370 -12.01 11.04 5.24
C PHE A 370 -10.82 10.13 4.97
N VAL A 371 -10.43 9.38 5.99
CA VAL A 371 -9.33 8.45 5.92
C VAL A 371 -9.98 7.07 5.95
N PHE A 372 -9.30 6.07 5.39
CA PHE A 372 -9.81 4.70 5.39
C PHE A 372 -8.64 3.74 5.50
N LEU A 373 -8.93 2.50 5.88
CA LEU A 373 -7.92 1.49 6.06
C LEU A 373 -8.58 0.17 5.69
N ILE A 374 -7.95 -0.61 4.82
CA ILE A 374 -8.51 -1.90 4.41
C ILE A 374 -7.65 -2.92 5.11
N ILE A 375 -8.29 -3.79 5.89
CA ILE A 375 -7.58 -4.78 6.69
C ILE A 375 -7.99 -6.23 6.54
N ASP A 376 -7.01 -7.12 6.56
CA ASP A 376 -7.24 -8.53 6.47
C ASP A 376 -7.43 -9.09 7.89
N GLN A 377 -8.66 -9.52 8.21
CA GLN A 377 -8.93 -10.06 9.55
C GLN A 377 -8.11 -11.30 9.92
N ASN A 378 -7.73 -12.11 8.93
CA ASN A 378 -6.92 -13.28 9.19
C ASN A 378 -5.59 -12.97 9.86
N THR A 379 -4.92 -11.91 9.39
CA THR A 379 -3.61 -11.56 9.92
C THR A 379 -3.58 -10.20 10.59
N LYS A 380 -4.70 -9.49 10.49
CA LYS A 380 -4.83 -8.16 11.07
C LYS A 380 -3.89 -7.19 10.36
N ALA A 381 -3.52 -7.53 9.14
CA ALA A 381 -2.60 -6.71 8.35
C ALA A 381 -3.31 -5.63 7.55
N PRO A 382 -2.68 -4.45 7.41
CA PRO A 382 -3.30 -3.38 6.63
C PRO A 382 -2.92 -3.50 5.14
N LEU A 383 -3.86 -3.94 4.31
CA LEU A 383 -3.60 -4.10 2.90
C LEU A 383 -3.46 -2.73 2.22
N PHE A 384 -4.36 -1.82 2.52
CA PHE A 384 -4.36 -0.49 1.93
C PHE A 384 -4.76 0.60 2.94
N MET A 385 -4.31 1.82 2.70
CA MET A 385 -4.65 2.95 3.56
C MET A 385 -4.67 4.20 2.70
N GLY A 386 -5.65 5.06 2.93
CA GLY A 386 -5.70 6.27 2.14
C GLY A 386 -6.50 7.41 2.74
N ARG A 387 -6.59 8.48 1.98
CA ARG A 387 -7.31 9.67 2.36
C ARG A 387 -8.06 10.12 1.13
N VAL A 388 -9.33 10.44 1.29
CA VAL A 388 -10.12 10.89 0.15
C VAL A 388 -10.58 12.31 0.39
N VAL A 389 -10.11 13.22 -0.47
CA VAL A 389 -10.44 14.64 -0.39
C VAL A 389 -11.12 15.07 -1.68
N ASN A 390 -10.76 14.39 -2.77
CA ASN A 390 -11.30 14.66 -4.09
C ASN A 390 -11.99 13.41 -4.65
N PRO A 391 -13.26 13.55 -5.08
CA PRO A 391 -14.00 12.42 -5.64
C PRO A 391 -13.62 12.09 -7.08
N THR A 392 -12.35 11.79 -7.31
CA THR A 392 -11.89 11.48 -8.65
C THR A 392 -12.61 10.25 -9.23
N GLN A 393 -12.86 10.29 -10.53
CA GLN A 393 -13.57 9.18 -11.18
C GLN A 393 -12.64 8.58 -12.23
N LYS A 394 -11.54 9.30 -12.47
CA LYS A 394 -10.52 8.97 -13.47
C LYS A 394 -10.89 7.86 -14.42
#